data_5Y1F
#
_entry.id   5Y1F
#
_cell.length_a   113.494
_cell.length_b   48.927
_cell.length_c   56.364
_cell.angle_alpha   90.00
_cell.angle_beta   104.71
_cell.angle_gamma   90.00
#
_symmetry.space_group_name_H-M   'C 1 2 1'
#
loop_
_entity.id
_entity.type
_entity.pdbx_description
1 polymer 'NAD dependent epimerase/dehydratase family'
2 non-polymer NICOTINAMIDE-ADENINE-DINUCLEOTIDE
3 water water
#
_entity_poly.entity_id   1
_entity_poly.type   'polypeptide(L)'
_entity_poly.pdbx_seq_one_letter_code
;MGSSHHHHHHSSGLVPRGSHMILVTGALGQIGTELVLALQEKYGNDKIIASDLKEPENYHCKFEKCDIRDIETYERINNE
NKIEIVYHLAAILSAAGEKNPELCHDVNYNGLENVLKTAKKYNQKLFCPSSIAVFGPDVPKEMTPQNVELNPKTVYGITK
VKGEELCDTYFKEHGIDVRGIRYPGLISWKHKPSGGTTDYAVEMYFDAVESGKYECFVNRNTRLPMMFMDDAIRATLELM
DAPLDSLNYHSNYNLSSMSFSAEELEKEISAHVDFNCLYKPDYRQDIADTWPISINDDDARKDWGWEPKFDISKMTEEMI
TNLRRLNE
;
_entity_poly.pdbx_strand_id   A
#
# COMPACT_ATOMS: atom_id res chain seq x y z
N GLY A 18 -14.31 -21.67 13.16
CA GLY A 18 -14.30 -21.38 11.70
C GLY A 18 -13.06 -21.91 11.01
N SER A 19 -12.99 -21.74 9.70
CA SER A 19 -11.84 -22.21 8.93
C SER A 19 -10.59 -21.38 9.29
N HIS A 20 -10.82 -20.10 9.60
CA HIS A 20 -9.76 -19.10 9.88
C HIS A 20 -8.89 -18.77 8.65
N MET A 21 -9.44 -19.00 7.49
CA MET A 21 -8.70 -18.91 6.26
C MET A 21 -8.70 -17.47 5.78
N ILE A 22 -7.55 -17.11 5.26
CA ILE A 22 -7.27 -15.73 4.83
C ILE A 22 -6.81 -15.79 3.38
N LEU A 23 -7.37 -14.93 2.55
CA LEU A 23 -6.95 -14.66 1.20
C LEU A 23 -6.23 -13.33 1.08
N VAL A 24 -5.15 -13.29 0.31
CA VAL A 24 -4.46 -12.05 -0.03
C VAL A 24 -4.54 -11.87 -1.52
N THR A 25 -5.28 -10.85 -2.00
CA THR A 25 -5.23 -10.49 -3.42
C THR A 25 -4.04 -9.55 -3.66
N GLY A 26 -3.61 -9.46 -4.90
CA GLY A 26 -2.43 -8.69 -5.21
C GLY A 26 -1.19 -9.20 -4.51
N ALA A 27 -1.15 -10.53 -4.26
CA ALA A 27 -0.17 -11.10 -3.36
C ALA A 27 1.26 -11.02 -3.84
N LEU A 28 1.49 -10.82 -5.11
CA LEU A 28 2.85 -10.79 -5.65
C LEU A 28 3.46 -9.42 -5.68
N GLY A 29 2.70 -8.40 -5.29
CA GLY A 29 3.16 -7.02 -5.36
C GLY A 29 4.04 -6.60 -4.21
N GLN A 30 4.34 -5.31 -4.15
CA GLN A 30 5.29 -4.79 -3.19
C GLN A 30 4.88 -5.10 -1.77
N ILE A 31 3.64 -4.82 -1.46
CA ILE A 31 3.14 -5.10 -0.10
C ILE A 31 2.93 -6.58 0.10
N GLY A 32 2.26 -7.23 -0.84
CA GLY A 32 1.83 -8.61 -0.72
C GLY A 32 3.00 -9.55 -0.52
N THR A 33 4.13 -9.29 -1.17
CA THR A 33 5.35 -10.08 -0.98
C THR A 33 5.69 -10.23 0.50
N GLU A 34 5.51 -9.17 1.25
CA GLU A 34 5.85 -9.16 2.66
C GLU A 34 4.66 -9.46 3.55
N LEU A 35 3.46 -9.06 3.15
CA LEU A 35 2.29 -9.34 3.96
C LEU A 35 1.95 -10.82 4.02
N VAL A 36 2.12 -11.55 2.92
CA VAL A 36 1.89 -13.00 2.95
C VAL A 36 2.78 -13.66 4.01
N LEU A 37 4.06 -13.30 4.03
CA LEU A 37 4.95 -13.84 5.05
C LEU A 37 4.50 -13.49 6.44
N ALA A 38 4.16 -12.25 6.70
CA ALA A 38 3.76 -11.86 8.02
C ALA A 38 2.51 -12.61 8.46
N LEU A 39 1.57 -12.82 7.54
CA LEU A 39 0.32 -13.52 7.89
C LEU A 39 0.59 -15.00 8.10
N GLN A 40 1.48 -15.57 7.32
CA GLN A 40 1.86 -16.99 7.54
C GLN A 40 2.46 -17.15 8.93
N GLU A 41 3.31 -16.22 9.34
CA GLU A 41 3.94 -16.34 10.67
C GLU A 41 2.94 -16.11 11.77
N LYS A 42 1.97 -15.21 11.57
CA LYS A 42 1.00 -14.87 12.59
C LYS A 42 -0.02 -15.99 12.79
N TYR A 43 -0.53 -16.53 11.69
CA TYR A 43 -1.69 -17.43 11.72
C TYR A 43 -1.38 -18.86 11.43
N GLY A 44 -0.20 -19.14 10.86
CA GLY A 44 0.18 -20.46 10.40
C GLY A 44 0.11 -20.52 8.90
N ASN A 45 1.06 -21.19 8.28
CA ASN A 45 1.12 -21.19 6.84
C ASN A 45 -0.13 -21.79 6.20
N ASP A 46 -0.74 -22.79 6.82
CA ASP A 46 -1.90 -23.44 6.21
C ASP A 46 -3.15 -22.57 6.11
N LYS A 47 -3.10 -21.41 6.74
CA LYS A 47 -4.25 -20.54 6.78
C LYS A 47 -4.26 -19.50 5.71
N ILE A 48 -3.20 -19.38 4.93
CA ILE A 48 -3.06 -18.26 4.01
C ILE A 48 -3.04 -18.68 2.56
N ILE A 49 -3.94 -18.12 1.76
CA ILE A 49 -3.99 -18.36 0.34
C ILE A 49 -3.62 -17.07 -0.38
N ALA A 50 -2.73 -17.14 -1.36
CA ALA A 50 -2.30 -15.99 -2.14
C ALA A 50 -3.03 -16.01 -3.47
N SER A 51 -3.31 -14.84 -4.03
CA SER A 51 -3.87 -14.77 -5.38
C SER A 51 -3.32 -13.56 -6.11
N ASP A 52 -3.10 -13.73 -7.41
CA ASP A 52 -2.66 -12.68 -8.31
C ASP A 52 -2.93 -13.20 -9.74
N LEU A 53 -2.56 -12.43 -10.75
CA LEU A 53 -2.90 -12.78 -12.13
C LEU A 53 -2.27 -14.04 -12.66
N LYS A 54 -1.00 -14.23 -12.38
CA LYS A 54 -0.21 -15.36 -12.95
C LYS A 54 0.48 -16.10 -11.85
N GLU A 55 0.42 -17.42 -12.00
CA GLU A 55 1.03 -18.33 -11.06
C GLU A 55 2.51 -18.18 -11.13
N PRO A 56 3.17 -17.89 -10.00
CA PRO A 56 4.62 -17.84 -9.88
C PRO A 56 5.28 -19.23 -9.88
N GLU A 57 6.51 -19.31 -10.42
CA GLU A 57 7.33 -20.53 -10.42
C GLU A 57 7.61 -21.05 -9.00
N ASN A 58 8.33 -20.26 -8.19
CA ASN A 58 9.07 -20.84 -7.04
C ASN A 58 8.61 -20.38 -5.65
N TYR A 59 7.45 -20.87 -5.22
CA TYR A 59 6.56 -20.07 -4.36
C TYR A 59 5.97 -20.90 -3.22
N HIS A 60 6.22 -20.48 -1.99
CA HIS A 60 5.90 -21.26 -0.79
C HIS A 60 4.67 -20.66 -0.10
N CYS A 61 3.61 -20.51 -0.89
CA CYS A 61 2.29 -20.33 -0.35
C CYS A 61 1.34 -20.99 -1.37
N LYS A 62 0.27 -21.56 -0.91
CA LYS A 62 -0.79 -21.95 -1.81
C LYS A 62 -1.27 -20.72 -2.58
N PHE A 63 -1.49 -20.93 -3.85
CA PHE A 63 -1.75 -19.85 -4.79
C PHE A 63 -2.94 -20.18 -5.67
N GLU A 64 -3.83 -19.22 -5.86
CA GLU A 64 -4.94 -19.35 -6.77
C GLU A 64 -4.95 -18.16 -7.73
N LYS A 65 -4.79 -18.41 -9.02
CA LYS A 65 -4.76 -17.34 -9.98
C LYS A 65 -6.15 -16.77 -10.15
N CYS A 66 -6.25 -15.47 -10.36
CA CYS A 66 -7.52 -14.84 -10.64
C CYS A 66 -7.31 -13.43 -11.18
N ASP A 67 -8.15 -12.98 -12.10
CA ASP A 67 -8.27 -11.54 -12.35
C ASP A 67 -9.34 -11.05 -11.39
N ILE A 68 -9.06 -9.95 -10.69
CA ILE A 68 -9.95 -9.42 -9.69
C ILE A 68 -11.26 -8.97 -10.28
N ARG A 69 -11.29 -8.77 -11.60
CA ARG A 69 -12.51 -8.43 -12.30
C ARG A 69 -13.41 -9.61 -12.60
N ASP A 70 -12.93 -10.81 -12.44
CA ASP A 70 -13.65 -12.06 -12.81
C ASP A 70 -14.36 -12.52 -11.57
N ILE A 71 -15.61 -12.09 -11.47
CA ILE A 71 -16.37 -12.39 -10.25
C ILE A 71 -16.62 -13.88 -10.00
N GLU A 72 -16.82 -14.62 -11.10
CA GLU A 72 -17.09 -16.04 -10.94
C GLU A 72 -15.91 -16.81 -10.36
N THR A 73 -14.72 -16.58 -10.90
CA THR A 73 -13.56 -17.26 -10.41
C THR A 73 -13.20 -16.76 -9.00
N TYR A 74 -13.34 -15.45 -8.79
CA TYR A 74 -13.05 -14.91 -7.45
C TYR A 74 -13.94 -15.56 -6.39
N GLU A 75 -15.23 -15.63 -6.68
CA GLU A 75 -16.12 -16.25 -5.73
C GLU A 75 -15.76 -17.72 -5.45
N ARG A 76 -15.47 -18.44 -6.53
CA ARG A 76 -15.09 -19.81 -6.41
C ARG A 76 -13.88 -19.98 -5.49
N ILE A 77 -12.84 -19.16 -5.65
CA ILE A 77 -11.68 -19.27 -4.79
C ILE A 77 -12.08 -19.07 -3.34
N ASN A 78 -12.95 -18.10 -3.10
CA ASN A 78 -13.35 -17.80 -1.74
C ASN A 78 -14.17 -18.93 -1.13
N ASN A 79 -15.13 -19.44 -1.88
CA ASN A 79 -15.98 -20.58 -1.48
C ASN A 79 -15.23 -21.80 -1.15
N GLU A 80 -14.39 -22.19 -2.10
N GLU A 80 -14.36 -22.18 -2.09
CA GLU A 80 -13.76 -23.50 -2.04
CA GLU A 80 -13.74 -23.49 -2.07
C GLU A 80 -12.78 -23.51 -0.89
C GLU A 80 -12.63 -23.55 -1.03
N ASN A 81 -12.09 -22.38 -0.67
CA ASN A 81 -11.10 -22.29 0.39
C ASN A 81 -11.66 -21.79 1.74
N LYS A 82 -12.96 -21.61 1.80
CA LYS A 82 -13.62 -21.20 3.02
C LYS A 82 -13.03 -19.91 3.59
N ILE A 83 -12.81 -18.95 2.69
CA ILE A 83 -12.13 -17.71 3.07
C ILE A 83 -13.03 -16.90 4.00
N GLU A 84 -12.50 -16.47 5.13
CA GLU A 84 -13.20 -15.65 6.08
C GLU A 84 -12.71 -14.18 6.16
N ILE A 85 -11.49 -13.96 5.71
CA ILE A 85 -10.81 -12.65 5.81
C ILE A 85 -10.07 -12.47 4.49
N VAL A 86 -10.20 -11.30 3.89
CA VAL A 86 -9.45 -10.95 2.68
C VAL A 86 -8.65 -9.67 2.92
N TYR A 87 -7.37 -9.76 2.60
CA TYR A 87 -6.46 -8.60 2.53
C TYR A 87 -6.35 -8.28 1.05
N HIS A 88 -7.04 -7.22 0.61
CA HIS A 88 -7.24 -6.94 -0.80
C HIS A 88 -6.23 -5.90 -1.27
N LEU A 89 -5.14 -6.37 -1.87
CA LEU A 89 -4.06 -5.51 -2.32
C LEU A 89 -4.06 -5.28 -3.82
N ALA A 90 -4.85 -6.00 -4.61
CA ALA A 90 -4.79 -5.85 -6.05
C ALA A 90 -5.19 -4.45 -6.47
N ALA A 91 -4.44 -3.84 -7.35
CA ALA A 91 -4.72 -2.48 -7.80
C ALA A 91 -3.77 -2.12 -8.91
N ILE A 92 -4.12 -1.06 -9.61
CA ILE A 92 -3.25 -0.29 -10.52
C ILE A 92 -2.93 1.02 -9.79
N LEU A 93 -1.65 1.39 -9.75
N LEU A 93 -1.64 1.37 -9.81
CA LEU A 93 -1.24 2.52 -8.94
CA LEU A 93 -1.09 2.44 -8.98
C LEU A 93 -1.17 3.81 -9.72
C LEU A 93 -1.15 3.78 -9.71
N SER A 94 -0.68 4.86 -9.09
CA SER A 94 -0.94 6.20 -9.60
C SER A 94 -0.30 6.48 -10.96
N ALA A 95 0.98 6.17 -11.12
CA ALA A 95 1.67 6.47 -12.38
C ALA A 95 1.11 5.66 -13.52
N ALA A 96 0.88 4.39 -13.29
CA ALA A 96 0.27 3.51 -14.30
C ALA A 96 -1.14 3.99 -14.62
N GLY A 97 -1.87 4.53 -13.65
CA GLY A 97 -3.20 4.96 -13.83
C GLY A 97 -3.27 6.24 -14.62
N GLU A 98 -2.25 7.11 -14.53
CA GLU A 98 -2.24 8.30 -15.39
C GLU A 98 -2.02 7.87 -16.84
N LYS A 99 -1.19 6.89 -17.06
CA LYS A 99 -0.92 6.37 -18.40
C LYS A 99 -2.15 5.65 -18.95
N ASN A 100 -2.91 4.95 -18.11
N ASN A 100 -2.91 4.93 -18.12
CA ASN A 100 -4.03 4.12 -18.55
CA ASN A 100 -4.06 4.16 -18.59
C ASN A 100 -5.25 4.30 -17.64
C ASN A 100 -5.25 4.32 -17.65
N PRO A 101 -5.96 5.42 -17.80
CA PRO A 101 -7.04 5.73 -16.85
C PRO A 101 -8.13 4.68 -16.82
N GLU A 102 -8.49 4.11 -17.98
CA GLU A 102 -9.59 3.19 -18.03
C GLU A 102 -9.27 1.90 -17.29
N LEU A 103 -8.05 1.43 -17.47
CA LEU A 103 -7.61 0.24 -16.77
C LEU A 103 -7.61 0.45 -15.24
N CYS A 104 -7.10 1.62 -14.83
CA CYS A 104 -7.04 1.93 -13.41
C CYS A 104 -8.45 1.90 -12.82
N HIS A 105 -9.42 2.57 -13.45
CA HIS A 105 -10.76 2.56 -12.91
C HIS A 105 -11.30 1.14 -12.84
N ASP A 106 -11.16 0.40 -13.94
CA ASP A 106 -11.72 -0.92 -14.04
C ASP A 106 -11.18 -1.82 -12.94
N VAL A 107 -9.86 -1.96 -12.89
CA VAL A 107 -9.27 -2.85 -11.91
C VAL A 107 -9.57 -2.38 -10.48
N ASN A 108 -9.39 -1.07 -10.22
CA ASN A 108 -9.51 -0.62 -8.80
C ASN A 108 -10.95 -0.60 -8.36
N TYR A 109 -11.82 0.01 -9.14
CA TYR A 109 -13.19 0.13 -8.71
C TYR A 109 -13.99 -1.14 -8.86
N ASN A 110 -13.93 -1.77 -10.03
CA ASN A 110 -14.73 -2.98 -10.21
C ASN A 110 -14.12 -4.15 -9.42
N GLY A 111 -12.80 -4.19 -9.24
CA GLY A 111 -12.22 -5.19 -8.38
C GLY A 111 -12.68 -5.03 -6.94
N LEU A 112 -12.63 -3.78 -6.45
CA LEU A 112 -13.13 -3.54 -5.12
C LEU A 112 -14.58 -3.92 -4.95
N GLU A 113 -15.41 -3.54 -5.90
N GLU A 113 -15.40 -3.56 -5.91
CA GLU A 113 -16.80 -3.92 -5.82
CA GLU A 113 -16.80 -3.93 -5.81
C GLU A 113 -16.99 -5.44 -5.74
C GLU A 113 -17.01 -5.45 -5.77
N ASN A 114 -16.21 -6.19 -6.52
CA ASN A 114 -16.25 -7.65 -6.45
C ASN A 114 -15.90 -8.17 -5.06
N VAL A 115 -14.87 -7.56 -4.48
CA VAL A 115 -14.42 -7.96 -3.16
C VAL A 115 -15.53 -7.68 -2.12
N LEU A 116 -16.10 -6.49 -2.17
CA LEU A 116 -17.12 -6.11 -1.19
C LEU A 116 -18.40 -6.96 -1.36
N LYS A 117 -18.85 -7.13 -2.60
CA LYS A 117 -20.06 -7.99 -2.84
C LYS A 117 -19.83 -9.38 -2.30
N THR A 118 -18.64 -9.93 -2.53
CA THR A 118 -18.33 -11.27 -2.03
C THR A 118 -18.30 -11.32 -0.51
N ALA A 119 -17.73 -10.28 0.12
CA ALA A 119 -17.68 -10.21 1.56
C ALA A 119 -19.07 -10.20 2.15
N LYS A 120 -19.99 -9.50 1.50
N LYS A 120 -19.99 -9.50 1.51
CA LYS A 120 -21.38 -9.46 1.97
CA LYS A 120 -21.35 -9.51 2.01
C LYS A 120 -22.03 -10.85 1.85
C LYS A 120 -22.00 -10.87 1.87
N LYS A 121 -21.76 -11.56 0.76
CA LYS A 121 -22.32 -12.91 0.57
C LYS A 121 -21.80 -13.87 1.59
N TYR A 122 -20.51 -13.81 1.93
CA TYR A 122 -19.84 -14.82 2.75
C TYR A 122 -19.47 -14.34 4.13
N ASN A 123 -19.99 -13.18 4.53
CA ASN A 123 -19.77 -12.64 5.86
C ASN A 123 -18.28 -12.50 6.22
N GLN A 124 -17.52 -11.87 5.33
CA GLN A 124 -16.08 -11.78 5.47
C GLN A 124 -15.67 -10.48 6.14
N LYS A 125 -14.51 -10.54 6.76
N LYS A 125 -14.53 -10.52 6.82
CA LYS A 125 -13.79 -9.32 7.21
CA LYS A 125 -13.83 -9.28 7.21
C LYS A 125 -12.77 -8.94 6.14
C LYS A 125 -12.78 -8.93 6.14
N LEU A 126 -12.48 -7.64 6.01
CA LEU A 126 -11.71 -7.11 4.87
C LEU A 126 -10.67 -6.09 5.32
N PHE A 127 -9.56 -6.10 4.62
CA PHE A 127 -8.61 -4.99 4.62
C PHE A 127 -8.54 -4.49 3.18
N CYS A 128 -8.89 -3.20 2.96
CA CYS A 128 -8.92 -2.61 1.62
C CYS A 128 -8.23 -1.28 1.72
N PRO A 129 -6.97 -1.20 1.31
CA PRO A 129 -6.22 0.04 1.55
C PRO A 129 -6.55 1.16 0.60
N SER A 130 -6.30 2.38 1.08
CA SER A 130 -6.40 3.60 0.29
C SER A 130 -4.99 4.13 0.07
N SER A 131 -4.84 5.43 -0.10
CA SER A 131 -3.56 6.07 -0.36
C SER A 131 -3.64 7.54 0.03
N ILE A 132 -2.48 8.14 0.34
CA ILE A 132 -2.40 9.58 0.42
C ILE A 132 -2.78 10.27 -0.90
N ALA A 133 -2.91 9.54 -2.01
CA ALA A 133 -3.34 10.12 -3.28
C ALA A 133 -4.80 10.58 -3.24
N VAL A 134 -5.56 10.31 -2.16
CA VAL A 134 -6.88 10.89 -2.08
C VAL A 134 -6.86 12.40 -1.93
N PHE A 135 -5.75 12.96 -1.50
CA PHE A 135 -5.65 14.40 -1.22
C PHE A 135 -5.18 15.16 -2.44
N GLY A 136 -5.71 16.37 -2.56
CA GLY A 136 -5.22 17.32 -3.56
C GLY A 136 -4.78 18.62 -2.95
N PRO A 137 -4.34 19.59 -3.79
CA PRO A 137 -3.69 20.78 -3.26
C PRO A 137 -4.63 21.81 -2.67
N ASP A 138 -5.90 21.53 -2.61
CA ASP A 138 -6.92 22.43 -2.01
C ASP A 138 -6.98 22.24 -0.52
N VAL A 139 -6.28 21.26 0.03
CA VAL A 139 -6.25 21.07 1.47
C VAL A 139 -4.80 21.18 1.92
N PRO A 140 -4.54 21.20 3.23
CA PRO A 140 -3.18 21.48 3.70
C PRO A 140 -2.18 20.47 3.13
N LYS A 141 -0.99 20.96 2.80
CA LYS A 141 0.11 20.10 2.40
C LYS A 141 0.83 19.52 3.60
N GLU A 142 0.87 20.28 4.69
CA GLU A 142 1.56 19.89 5.89
C GLU A 142 0.59 19.33 6.88
N MET A 143 0.91 18.18 7.43
CA MET A 143 0.09 17.53 8.45
C MET A 143 -1.38 17.52 8.06
N THR A 144 -1.66 16.97 6.86
CA THR A 144 -3.04 16.93 6.40
C THR A 144 -3.93 16.24 7.39
N PRO A 145 -5.05 16.88 7.76
CA PRO A 145 -5.96 16.22 8.70
C PRO A 145 -6.71 15.01 8.12
N GLN A 146 -7.24 14.19 9.01
CA GLN A 146 -8.06 13.03 8.63
C GLN A 146 -9.28 13.44 7.82
N ASN A 147 -9.95 14.49 8.25
CA ASN A 147 -11.22 14.92 7.71
C ASN A 147 -11.10 16.24 7.01
N VAL A 148 -10.64 16.19 5.78
CA VAL A 148 -10.65 17.30 4.86
C VAL A 148 -11.28 16.81 3.57
N GLU A 149 -11.64 17.75 2.72
CA GLU A 149 -12.21 17.40 1.42
C GLU A 149 -11.20 16.63 0.56
N LEU A 150 -11.72 15.70 -0.22
CA LEU A 150 -10.91 14.83 -1.05
C LEU A 150 -11.13 15.12 -2.52
N ASN A 151 -10.24 15.94 -3.07
CA ASN A 151 -10.31 16.35 -4.46
C ASN A 151 -9.01 16.04 -5.18
N PRO A 152 -8.73 14.78 -5.34
CA PRO A 152 -7.48 14.37 -5.94
C PRO A 152 -7.35 14.79 -7.38
N LYS A 153 -6.10 14.95 -7.80
CA LYS A 153 -5.76 15.34 -9.17
C LYS A 153 -5.21 14.20 -9.98
N THR A 154 -5.47 12.96 -9.59
CA THR A 154 -5.12 11.81 -10.41
C THR A 154 -6.30 10.90 -10.52
N VAL A 155 -6.28 10.09 -11.60
CA VAL A 155 -7.27 9.06 -11.78
C VAL A 155 -7.24 8.07 -10.60
N TYR A 156 -6.05 7.61 -10.25
CA TYR A 156 -5.88 6.69 -9.12
C TYR A 156 -6.47 7.28 -7.84
N GLY A 157 -6.15 8.54 -7.55
CA GLY A 157 -6.71 9.16 -6.35
C GLY A 157 -8.22 9.14 -6.35
N ILE A 158 -8.84 9.43 -7.51
CA ILE A 158 -10.27 9.36 -7.59
C ILE A 158 -10.76 7.94 -7.29
N THR A 159 -10.10 6.93 -7.83
CA THR A 159 -10.51 5.53 -7.54
C THR A 159 -10.43 5.26 -6.05
N LYS A 160 -9.44 5.82 -5.38
CA LYS A 160 -9.29 5.56 -3.96
C LYS A 160 -10.36 6.27 -3.14
N VAL A 161 -10.71 7.50 -3.51
CA VAL A 161 -11.81 8.19 -2.85
C VAL A 161 -13.10 7.40 -3.00
N LYS A 162 -13.42 7.02 -4.23
CA LYS A 162 -14.62 6.22 -4.46
C LYS A 162 -14.55 4.92 -3.67
N GLY A 163 -13.36 4.32 -3.60
CA GLY A 163 -13.23 3.10 -2.87
C GLY A 163 -13.46 3.27 -1.36
N GLU A 164 -12.91 4.34 -0.76
CA GLU A 164 -13.16 4.61 0.64
C GLU A 164 -14.65 4.72 0.89
N GLU A 165 -15.31 5.43 0.02
CA GLU A 165 -16.75 5.67 0.20
C GLU A 165 -17.52 4.37 0.05
N LEU A 166 -17.18 3.54 -0.93
CA LEU A 166 -17.87 2.28 -1.09
C LEU A 166 -17.65 1.39 0.11
N CYS A 167 -16.39 1.27 0.58
CA CYS A 167 -16.14 0.51 1.77
C CYS A 167 -16.97 0.99 2.93
N ASP A 168 -17.00 2.28 3.15
CA ASP A 168 -17.73 2.79 4.30
C ASP A 168 -19.24 2.57 4.15
N THR A 169 -19.76 2.59 2.94
CA THR A 169 -21.14 2.19 2.68
C THR A 169 -21.36 0.73 3.05
N TYR A 170 -20.43 -0.15 2.72
CA TYR A 170 -20.59 -1.54 3.09
C TYR A 170 -20.55 -1.71 4.57
N PHE A 171 -19.73 -0.93 5.28
CA PHE A 171 -19.73 -1.01 6.69
C PHE A 171 -21.07 -0.52 7.28
N LYS A 172 -21.50 0.70 6.91
CA LYS A 172 -22.70 1.25 7.55
C LYS A 172 -23.96 0.54 7.13
N GLU A 173 -24.13 0.30 5.84
CA GLU A 173 -25.39 -0.22 5.30
C GLU A 173 -25.43 -1.72 5.37
N HIS A 174 -24.28 -2.39 5.26
CA HIS A 174 -24.26 -3.85 5.13
C HIS A 174 -23.59 -4.54 6.29
N GLY A 175 -23.07 -3.80 7.26
CA GLY A 175 -22.43 -4.40 8.42
C GLY A 175 -21.14 -5.13 8.11
N ILE A 176 -20.45 -4.80 7.03
CA ILE A 176 -19.18 -5.46 6.69
C ILE A 176 -18.05 -4.78 7.41
N ASP A 177 -17.30 -5.55 8.18
CA ASP A 177 -16.14 -5.00 8.91
C ASP A 177 -14.96 -4.92 7.95
N VAL A 178 -14.93 -3.80 7.23
CA VAL A 178 -13.86 -3.48 6.30
C VAL A 178 -13.02 -2.35 6.89
N ARG A 179 -11.70 -2.53 6.89
CA ARG A 179 -10.75 -1.56 7.44
C ARG A 179 -9.73 -1.25 6.38
N GLY A 180 -9.16 -0.05 6.46
CA GLY A 180 -8.16 0.37 5.51
C GLY A 180 -7.32 1.53 6.02
N ILE A 181 -6.19 1.69 5.35
CA ILE A 181 -5.19 2.71 5.68
C ILE A 181 -4.91 3.48 4.41
N ARG A 182 -4.77 4.80 4.54
CA ARG A 182 -4.22 5.64 3.45
C ARG A 182 -2.70 5.53 3.49
N TYR A 183 -2.13 4.51 2.88
CA TYR A 183 -0.69 4.34 3.02
C TYR A 183 0.01 5.53 2.39
N PRO A 184 1.09 5.97 3.03
CA PRO A 184 2.08 6.83 2.40
C PRO A 184 2.91 6.07 1.39
N GLY A 185 3.93 6.70 0.84
CA GLY A 185 4.85 5.98 -0.03
C GLY A 185 5.56 4.90 0.75
N LEU A 186 5.67 3.69 0.23
CA LEU A 186 6.25 2.57 0.98
C LEU A 186 7.58 2.18 0.38
N ILE A 187 8.55 1.89 1.25
CA ILE A 187 9.92 1.59 0.83
C ILE A 187 10.27 0.19 1.32
N SER A 188 10.80 -0.63 0.42
CA SER A 188 11.16 -2.00 0.74
C SER A 188 12.27 -2.42 -0.21
N TRP A 189 12.95 -3.50 0.18
CA TRP A 189 14.01 -4.11 -0.67
C TRP A 189 13.63 -5.46 -1.19
N LYS A 190 12.63 -6.12 -0.67
CA LYS A 190 12.32 -7.49 -1.11
C LYS A 190 11.66 -7.60 -2.46
N HIS A 191 11.10 -6.50 -2.96
CA HIS A 191 10.48 -6.46 -4.28
C HIS A 191 11.20 -5.45 -5.15
N LYS A 192 11.41 -5.78 -6.42
CA LYS A 192 12.00 -4.83 -7.34
C LYS A 192 11.08 -3.63 -7.51
N PRO A 193 11.68 -2.45 -7.65
CA PRO A 193 10.81 -1.29 -7.84
C PRO A 193 9.98 -1.32 -9.10
N SER A 194 8.72 -0.92 -9.04
CA SER A 194 7.86 -0.97 -10.22
C SER A 194 7.74 0.38 -10.91
N GLY A 195 8.53 1.35 -10.48
CA GLY A 195 8.49 2.66 -11.11
C GLY A 195 7.23 3.47 -10.77
N GLY A 196 6.60 3.15 -9.66
CA GLY A 196 5.49 3.97 -9.20
C GLY A 196 5.93 5.37 -8.81
N THR A 197 4.96 6.22 -8.53
CA THR A 197 5.29 7.63 -8.22
C THR A 197 6.27 7.78 -7.04
N THR A 198 6.09 7.01 -5.94
CA THR A 198 6.96 7.11 -4.79
C THR A 198 8.16 6.20 -4.90
N ASP A 199 8.31 5.50 -6.01
CA ASP A 199 9.36 4.51 -6.16
C ASP A 199 10.71 5.10 -6.33
N TYR A 200 10.83 6.42 -6.46
CA TYR A 200 12.15 7.01 -6.55
C TYR A 200 12.95 6.73 -5.29
N ALA A 201 12.29 6.59 -4.14
CA ALA A 201 13.01 6.34 -2.92
C ALA A 201 13.59 4.90 -2.94
N VAL A 202 12.81 3.93 -3.37
CA VAL A 202 13.30 2.59 -3.50
C VAL A 202 14.41 2.51 -4.52
N GLU A 203 14.17 3.06 -5.70
CA GLU A 203 15.17 3.01 -6.77
C GLU A 203 16.46 3.65 -6.39
N MET A 204 16.42 4.69 -5.60
CA MET A 204 17.63 5.40 -5.22
C MET A 204 18.48 4.40 -4.41
N TYR A 205 17.87 3.68 -3.46
CA TYR A 205 18.64 2.68 -2.72
C TYR A 205 19.23 1.61 -3.65
N PHE A 206 18.38 1.01 -4.46
CA PHE A 206 18.83 -0.06 -5.33
C PHE A 206 19.99 0.37 -6.21
N ASP A 207 19.84 1.50 -6.89
CA ASP A 207 20.84 1.95 -7.84
C ASP A 207 22.09 2.49 -7.16
N ALA A 208 21.96 3.13 -6.01
CA ALA A 208 23.12 3.49 -5.24
C ALA A 208 24.00 2.30 -4.95
N VAL A 209 23.42 1.24 -4.48
CA VAL A 209 24.20 0.08 -4.08
C VAL A 209 24.67 -0.68 -5.30
N GLU A 210 23.83 -0.83 -6.33
CA GLU A 210 24.19 -1.62 -7.50
C GLU A 210 25.28 -0.97 -8.36
N SER A 211 25.14 0.32 -8.64
CA SER A 211 25.96 0.95 -9.66
C SER A 211 26.66 2.21 -9.22
N GLY A 212 26.30 2.75 -8.07
CA GLY A 212 26.90 3.97 -7.62
C GLY A 212 26.35 5.19 -8.35
N LYS A 213 25.19 5.06 -8.99
CA LYS A 213 24.59 6.20 -9.69
C LYS A 213 23.10 6.01 -9.72
N TYR A 214 22.35 7.10 -9.76
CA TYR A 214 20.91 7.05 -9.90
C TYR A 214 20.45 8.28 -10.66
N GLU A 215 19.50 8.09 -11.55
CA GLU A 215 18.78 9.20 -12.20
C GLU A 215 17.37 9.24 -11.62
N CYS A 216 17.14 10.23 -10.79
CA CYS A 216 15.91 10.40 -10.04
C CYS A 216 14.86 11.02 -10.95
N PHE A 217 13.66 10.50 -10.98
CA PHE A 217 12.57 10.98 -11.86
C PHE A 217 11.68 12.05 -11.23
N VAL A 218 12.04 12.53 -10.05
CA VAL A 218 11.44 13.70 -9.46
C VAL A 218 12.58 14.68 -9.14
N ASN A 219 12.23 15.96 -8.96
CA ASN A 219 13.23 16.96 -8.62
C ASN A 219 13.72 16.79 -7.18
N ARG A 220 14.82 17.42 -6.85
CA ARG A 220 15.52 17.12 -5.62
C ARG A 220 14.76 17.55 -4.36
N ASN A 221 13.85 18.49 -4.49
N ASN A 221 13.78 18.43 -4.55
CA ASN A 221 13.09 18.94 -3.34
CA ASN A 221 13.00 18.97 -3.44
C ASN A 221 11.79 18.17 -3.13
C ASN A 221 11.70 18.23 -3.22
N THR A 222 11.45 17.22 -4.01
CA THR A 222 10.17 16.51 -3.91
C THR A 222 10.11 15.83 -2.56
N ARG A 223 9.02 16.09 -1.81
CA ARG A 223 8.94 15.73 -0.41
C ARG A 223 7.56 15.12 -0.22
N LEU A 224 7.53 13.86 0.15
CA LEU A 224 6.29 13.10 0.30
C LEU A 224 6.33 12.31 1.61
N PRO A 225 5.16 11.99 2.16
CA PRO A 225 5.07 11.07 3.28
C PRO A 225 5.55 9.68 2.85
N MET A 226 6.46 9.11 3.64
N MET A 226 6.46 9.11 3.64
CA MET A 226 7.09 7.80 3.36
CA MET A 226 7.03 7.77 3.36
C MET A 226 7.09 6.94 4.63
C MET A 226 7.11 6.94 4.63
N MET A 227 7.20 5.64 4.42
CA MET A 227 7.22 4.68 5.50
C MET A 227 7.96 3.44 5.06
N PHE A 228 8.76 2.88 5.97
CA PHE A 228 9.41 1.58 5.69
C PHE A 228 8.38 0.45 5.74
N MET A 229 8.54 -0.52 4.86
CA MET A 229 7.55 -1.59 4.78
C MET A 229 7.27 -2.29 6.09
N ASP A 230 8.29 -2.53 6.92
CA ASP A 230 7.97 -3.28 8.17
C ASP A 230 6.94 -2.53 8.99
N ASP A 231 7.05 -1.19 9.01
CA ASP A 231 6.04 -0.39 9.70
C ASP A 231 4.64 -0.52 9.05
N ALA A 232 4.58 -0.44 7.70
CA ALA A 232 3.32 -0.53 7.05
C ALA A 232 2.62 -1.88 7.30
N ILE A 233 3.41 -2.95 7.26
CA ILE A 233 2.85 -4.30 7.51
C ILE A 233 2.37 -4.44 8.94
N ARG A 234 3.15 -3.94 9.89
CA ARG A 234 2.74 -3.99 11.27
C ARG A 234 1.48 -3.17 11.48
N ALA A 235 1.39 -1.99 10.89
CA ALA A 235 0.22 -1.16 11.00
C ALA A 235 -1.00 -1.90 10.52
N THR A 236 -0.85 -2.60 9.40
CA THR A 236 -1.96 -3.31 8.77
C THR A 236 -2.49 -4.39 9.73
N LEU A 237 -1.57 -5.17 10.29
CA LEU A 237 -1.95 -6.23 11.24
C LEU A 237 -2.51 -5.68 12.52
N GLU A 238 -1.95 -4.61 13.04
CA GLU A 238 -2.47 -4.02 14.27
C GLU A 238 -3.88 -3.47 14.04
N LEU A 239 -4.11 -2.78 12.93
CA LEU A 239 -5.44 -2.28 12.65
C LEU A 239 -6.44 -3.43 12.55
N MET A 240 -6.06 -4.48 11.85
CA MET A 240 -6.96 -5.62 11.70
C MET A 240 -7.27 -6.32 13.00
N ASP A 241 -6.34 -6.29 13.95
CA ASP A 241 -6.56 -6.93 15.25
C ASP A 241 -7.28 -6.09 16.23
N ALA A 242 -7.48 -4.79 16.00
CA ALA A 242 -8.13 -3.94 16.98
C ALA A 242 -9.57 -4.39 17.21
N PRO A 243 -10.11 -4.16 18.43
CA PRO A 243 -11.54 -4.38 18.57
C PRO A 243 -12.30 -3.40 17.72
N LEU A 244 -13.35 -3.86 17.07
CA LEU A 244 -14.10 -3.01 16.18
C LEU A 244 -14.62 -1.76 16.89
N ASP A 245 -15.12 -1.92 18.12
CA ASP A 245 -15.71 -0.80 18.83
C ASP A 245 -14.73 0.32 19.14
N SER A 246 -13.43 0.04 19.08
N SER A 246 -13.43 0.01 19.07
CA SER A 246 -12.44 1.08 19.33
CA SER A 246 -12.40 1.04 19.32
C SER A 246 -12.19 1.99 18.11
C SER A 246 -12.17 1.96 18.10
N LEU A 247 -12.70 1.59 16.95
CA LEU A 247 -12.41 2.34 15.70
C LEU A 247 -13.40 3.43 15.44
N ASN A 248 -12.90 4.64 15.30
CA ASN A 248 -13.71 5.75 14.85
C ASN A 248 -13.72 5.97 13.35
N TYR A 249 -12.80 5.31 12.66
CA TYR A 249 -12.72 5.33 11.20
C TYR A 249 -12.63 3.87 10.75
N HIS A 250 -12.90 3.64 9.47
CA HIS A 250 -13.01 2.28 8.95
C HIS A 250 -12.09 2.09 7.76
N SER A 251 -12.43 2.64 6.61
CA SER A 251 -11.71 2.38 5.36
C SER A 251 -10.47 3.22 5.13
N ASN A 252 -10.23 4.23 5.94
CA ASN A 252 -9.41 5.34 5.52
C ASN A 252 -8.57 6.03 6.58
N TYR A 253 -7.96 5.28 7.48
CA TYR A 253 -7.04 5.91 8.43
C TYR A 253 -5.88 6.58 7.78
N ASN A 254 -5.65 7.85 8.11
CA ASN A 254 -4.34 8.45 7.85
C ASN A 254 -3.27 7.70 8.62
N LEU A 255 -2.06 7.64 8.08
CA LEU A 255 -0.96 6.90 8.68
C LEU A 255 0.34 7.55 8.31
N SER A 256 1.18 7.82 9.30
CA SER A 256 2.39 8.58 9.14
C SER A 256 3.63 7.89 9.69
N SER A 257 4.77 8.20 9.08
CA SER A 257 6.06 7.90 9.67
C SER A 257 7.02 9.04 9.37
N MET A 258 7.49 9.15 8.15
CA MET A 258 8.56 10.08 7.77
C MET A 258 8.09 11.04 6.69
N SER A 259 8.79 12.16 6.54
CA SER A 259 8.60 13.07 5.45
C SER A 259 9.96 13.68 5.17
N PHE A 260 10.52 13.39 4.02
CA PHE A 260 11.85 13.87 3.64
C PHE A 260 11.82 14.16 2.15
N SER A 261 12.75 15.01 1.71
CA SER A 261 12.90 15.27 0.30
C SER A 261 13.86 14.28 -0.36
N ALA A 262 13.82 14.24 -1.68
CA ALA A 262 14.70 13.34 -2.42
C ALA A 262 16.17 13.60 -2.12
N GLU A 263 16.58 14.86 -2.09
CA GLU A 263 18.00 15.12 -1.77
C GLU A 263 18.32 14.78 -0.33
N GLU A 264 17.38 14.91 0.60
CA GLU A 264 17.64 14.46 1.95
C GLU A 264 17.90 12.97 2.00
N LEU A 265 17.15 12.20 1.23
CA LEU A 265 17.39 10.75 1.14
C LEU A 265 18.76 10.49 0.50
N GLU A 266 19.10 11.22 -0.55
CA GLU A 266 20.42 11.07 -1.17
C GLU A 266 21.51 11.28 -0.13
N LYS A 267 21.39 12.32 0.70
CA LYS A 267 22.43 12.59 1.67
C LYS A 267 22.49 11.48 2.71
N GLU A 268 21.36 10.92 3.11
CA GLU A 268 21.38 9.79 4.04
C GLU A 268 22.06 8.59 3.46
N ILE A 269 21.75 8.26 2.22
CA ILE A 269 22.34 7.12 1.58
C ILE A 269 23.83 7.33 1.37
N SER A 270 24.22 8.55 1.02
CA SER A 270 25.63 8.87 0.76
C SER A 270 26.49 8.77 2.00
N ALA A 271 25.89 8.84 3.18
CA ALA A 271 26.66 8.61 4.42
C ALA A 271 27.14 7.16 4.53
N HIS A 272 26.62 6.27 3.68
CA HIS A 272 26.93 4.83 3.74
C HIS A 272 27.59 4.33 2.47
N VAL A 273 27.15 4.85 1.34
CA VAL A 273 27.54 4.36 0.03
C VAL A 273 27.87 5.54 -0.88
N ASP A 274 28.95 5.41 -1.64
CA ASP A 274 29.31 6.45 -2.57
C ASP A 274 28.38 6.38 -3.77
N PHE A 275 27.72 7.47 -4.14
CA PHE A 275 26.97 7.42 -5.44
C PHE A 275 26.64 8.78 -6.03
N ASN A 276 26.49 8.80 -7.36
CA ASN A 276 26.19 10.00 -8.12
C ASN A 276 24.65 10.05 -8.36
N CYS A 277 23.99 11.07 -7.82
CA CYS A 277 22.55 11.22 -8.02
C CYS A 277 22.27 12.40 -8.95
N LEU A 278 21.59 12.15 -10.06
CA LEU A 278 21.21 13.22 -11.00
C LEU A 278 19.70 13.28 -10.97
N TYR A 279 19.15 14.47 -11.18
CA TYR A 279 17.72 14.69 -11.09
C TYR A 279 17.18 15.06 -12.48
N LYS A 280 16.32 14.22 -13.01
CA LYS A 280 15.72 14.35 -14.33
C LYS A 280 14.23 14.04 -14.25
N PRO A 281 13.44 15.02 -13.88
CA PRO A 281 12.01 14.77 -13.62
C PRO A 281 11.26 14.31 -14.85
N ASP A 282 10.23 13.50 -14.62
CA ASP A 282 9.31 13.10 -15.70
C ASP A 282 7.85 13.31 -15.26
N TYR A 283 6.92 12.68 -15.99
CA TYR A 283 5.51 12.86 -15.73
C TYR A 283 5.12 12.56 -14.27
N ARG A 284 5.89 11.73 -13.59
CA ARG A 284 5.56 11.40 -12.22
C ARG A 284 5.68 12.59 -11.29
N GLN A 285 6.49 13.57 -11.67
CA GLN A 285 6.55 14.83 -10.90
C GLN A 285 5.21 15.48 -10.79
N ASP A 286 4.47 15.47 -11.90
CA ASP A 286 3.17 16.13 -11.93
C ASP A 286 2.16 15.47 -10.99
N ILE A 287 2.34 14.18 -10.71
CA ILE A 287 1.55 13.48 -9.71
C ILE A 287 1.98 13.88 -8.31
N ALA A 288 3.28 13.73 -8.02
CA ALA A 288 3.81 14.02 -6.71
C ALA A 288 3.54 15.42 -6.24
N ASP A 289 3.61 16.38 -7.15
CA ASP A 289 3.42 17.79 -6.82
C ASP A 289 2.01 18.04 -6.26
N THR A 290 1.04 17.17 -6.55
CA THR A 290 -0.36 17.41 -6.11
C THR A 290 -0.64 16.78 -4.78
N TRP A 291 0.34 16.11 -4.18
CA TRP A 291 0.15 15.37 -2.91
C TRP A 291 0.71 16.14 -1.74
N PRO A 292 0.26 15.80 -0.51
CA PRO A 292 0.80 16.45 0.67
C PRO A 292 2.25 16.08 0.92
N ILE A 293 2.86 16.87 1.76
CA ILE A 293 4.21 16.58 2.26
C ILE A 293 4.19 15.68 3.50
N SER A 294 3.16 15.83 4.34
CA SER A 294 3.10 15.09 5.59
C SER A 294 1.65 14.97 6.03
N ILE A 295 1.42 14.06 6.97
CA ILE A 295 0.08 13.59 7.28
C ILE A 295 -0.15 13.59 8.79
N ASN A 296 -1.31 14.07 9.22
CA ASN A 296 -1.72 13.97 10.67
C ASN A 296 -2.47 12.65 10.84
N ASP A 297 -1.83 11.70 11.52
CA ASP A 297 -2.41 10.40 11.80
C ASP A 297 -2.79 10.22 13.25
N ASP A 298 -3.20 11.31 13.91
CA ASP A 298 -3.60 11.21 15.30
C ASP A 298 -4.68 10.17 15.55
N ASP A 299 -5.61 10.01 14.64
CA ASP A 299 -6.70 9.07 14.90
C ASP A 299 -6.22 7.65 14.94
N ALA A 300 -5.26 7.26 14.10
CA ALA A 300 -4.66 5.92 14.19
C ALA A 300 -3.91 5.75 15.53
N ARG A 301 -3.14 6.78 15.88
CA ARG A 301 -2.33 6.74 17.13
C ARG A 301 -3.25 6.63 18.32
N LYS A 302 -4.39 7.31 18.27
CA LYS A 302 -5.35 7.35 19.40
C LYS A 302 -6.18 6.07 19.45
N ASP A 303 -6.77 5.66 18.34
CA ASP A 303 -7.78 4.60 18.37
C ASP A 303 -7.17 3.25 18.52
N TRP A 304 -6.06 2.96 17.85
CA TRP A 304 -5.50 1.64 17.86
C TRP A 304 -4.00 1.58 18.10
N GLY A 305 -3.46 2.62 18.71
CA GLY A 305 -2.13 2.52 19.24
C GLY A 305 -0.99 2.57 18.25
N TRP A 306 -1.25 3.15 17.08
CA TRP A 306 -0.20 3.22 16.06
C TRP A 306 1.01 4.04 16.55
N GLU A 307 2.21 3.52 16.33
CA GLU A 307 3.44 4.27 16.44
C GLU A 307 4.47 3.65 15.47
N PRO A 308 5.09 4.44 14.61
CA PRO A 308 6.11 3.89 13.74
C PRO A 308 7.40 3.57 14.50
N LYS A 309 8.18 2.63 13.99
N LYS A 309 8.19 2.65 14.01
CA LYS A 309 9.44 2.17 14.63
CA LYS A 309 9.48 2.39 14.64
C LYS A 309 10.67 2.44 13.74
C LYS A 309 10.68 2.72 13.78
N PHE A 310 10.51 2.78 12.46
CA PHE A 310 11.65 3.02 11.59
C PHE A 310 11.75 4.47 11.16
N ASP A 311 12.80 5.16 11.59
CA ASP A 311 13.18 6.43 11.08
C ASP A 311 14.07 6.27 9.84
N ILE A 312 14.53 7.37 9.28
CA ILE A 312 15.26 7.28 8.04
C ILE A 312 16.60 6.56 8.20
N SER A 313 17.25 6.72 9.34
CA SER A 313 18.52 6.05 9.65
C SER A 313 18.34 4.53 9.74
N LYS A 314 17.35 4.10 10.51
CA LYS A 314 17.12 2.70 10.70
C LYS A 314 16.67 2.03 9.41
N MET A 315 15.80 2.70 8.66
CA MET A 315 15.37 2.14 7.39
C MET A 315 16.60 2.02 6.48
N THR A 316 17.40 3.07 6.42
CA THR A 316 18.59 3.06 5.55
C THR A 316 19.54 1.87 5.84
N GLU A 317 19.76 1.60 7.11
CA GLU A 317 20.61 0.48 7.50
C GLU A 317 20.00 -0.84 6.97
N GLU A 318 18.70 -1.03 7.10
CA GLU A 318 18.09 -2.29 6.63
C GLU A 318 18.24 -2.39 5.13
N MET A 319 17.88 -1.32 4.44
CA MET A 319 17.92 -1.33 2.99
C MET A 319 19.33 -1.62 2.48
N ILE A 320 20.29 -0.84 2.95
CA ILE A 320 21.63 -0.95 2.42
C ILE A 320 22.25 -2.31 2.76
N THR A 321 22.06 -2.80 3.97
CA THR A 321 22.62 -4.10 4.35
C THR A 321 22.11 -5.20 3.41
N ASN A 322 20.80 -5.28 3.22
CA ASN A 322 20.21 -6.33 2.41
C ASN A 322 20.58 -6.16 0.95
N LEU A 323 20.59 -4.94 0.44
CA LEU A 323 20.94 -4.72 -0.94
C LEU A 323 22.40 -5.02 -1.23
N ARG A 324 23.26 -4.74 -0.28
CA ARG A 324 24.66 -5.08 -0.47
C ARG A 324 24.76 -6.61 -0.55
N ARG A 325 24.04 -7.32 0.30
CA ARG A 325 24.09 -8.78 0.32
C ARG A 325 23.67 -9.29 -1.03
N LEU A 326 22.54 -8.80 -1.53
CA LEU A 326 22.03 -9.23 -2.81
C LEU A 326 22.98 -8.92 -3.97
N ASN A 327 23.83 -7.91 -3.79
CA ASN A 327 24.82 -7.54 -4.83
C ASN A 327 26.20 -8.19 -4.69
N GLU A 328 26.32 -9.07 -3.71
CA GLU A 328 27.54 -9.87 -3.60
C GLU A 328 27.74 -10.73 -4.86
#